data_2OIT
#
_entry.id   2OIT
#
_cell.length_a   52.381
_cell.length_b   81.140
_cell.length_c   102.607
_cell.angle_alpha   90.00
_cell.angle_beta   90.00
_cell.angle_gamma   90.00
#
_symmetry.space_group_name_H-M   'P 21 21 21'
#
loop_
_entity.id
_entity.type
_entity.pdbx_description
1 polymer 'Nucleoporin 214kDa'
2 non-polymer '2-(N-MORPHOLINO)-ETHANESULFONIC ACID'
3 water water
#
_entity_poly.entity_id   1
_entity_poly.type   'polypeptide(L)'
_entity_poly.pdbx_seq_one_letter_code
;MGDEMDAMIPEREMKDFQFRALKKVRIFDSPEELPKERSSLLAVSNKYGLVFAGGASGLQIFPTKNLLIQNKPGDDPNKI
VDKVQGLLVPMKFPIHHLALSCDNLTLSACMMSSEYGSIIAFFDVRTFSNEAKQQKRPFAYHKLLKDAGGMVIDMKWNPT
VPSMVAVCLADGSIAVLQVTETVKVCATLPSTVAVTSVCWSPKGKQLAVGKQNGTVVQYLPTLQEKKVIPCPPFYESDHP
VRVLDVLWIGTYVFAIVYAAADGTLETSPDVVMALLPKKEEKHPEIFVNFMEPCYGSCTERQHHYYLSYIEEWDLVLAAS
AASTEVSILARQSDQINWESWLLEDSSRAELPVTDKSDDSLPMGVVVDYTNQVEITISDEKTLPPAPVLMLLSTDGVLCP
FYMINQNPGVKSLIKTPERLSLEGERQPKSPGST
;
_entity_poly.pdbx_strand_id   A
#
# COMPACT_ATOMS: atom_id res chain seq x y z
N MET A 1 23.96 -4.61 25.58
CA MET A 1 25.07 -3.63 25.77
C MET A 1 25.20 -2.65 24.61
N GLY A 2 24.28 -2.72 23.65
CA GLY A 2 24.32 -1.83 22.50
C GLY A 2 25.42 -2.17 21.52
N ASP A 3 26.30 -2.28 22.17
CA ASP A 3 27.54 -2.42 21.46
C ASP A 3 27.73 -2.72 19.89
N GLU A 4 28.91 -2.27 19.30
CA GLU A 4 29.51 -2.23 17.93
C GLU A 4 29.44 -0.87 17.21
N MET A 5 28.45 0.01 17.49
CA MET A 5 28.38 1.38 16.92
C MET A 5 28.35 1.42 15.40
N ASP A 6 28.12 0.22 15.05
CA ASP A 6 28.07 0.23 13.60
C ASP A 6 26.91 -0.65 13.16
N ALA A 7 26.34 -1.36 14.13
CA ALA A 7 25.20 -2.22 13.87
C ALA A 7 24.01 -1.46 14.43
N MET A 8 24.29 -0.24 14.87
CA MET A 8 23.30 0.65 15.47
C MET A 8 22.27 1.11 14.44
N ILE A 9 21.03 1.25 14.89
CA ILE A 9 19.93 1.68 14.04
C ILE A 9 19.61 3.12 14.43
N PRO A 10 19.53 4.03 13.46
CA PRO A 10 19.20 5.43 13.79
C PRO A 10 17.76 5.50 14.29
N GLU A 11 17.58 5.85 15.56
CA GLU A 11 16.25 5.93 16.13
C GLU A 11 16.10 7.19 16.97
N ARG A 12 14.89 7.72 17.04
CA ARG A 12 14.63 8.93 17.80
C ARG A 12 13.26 8.88 18.46
N GLU A 13 13.20 9.26 19.74
CA GLU A 13 11.90 9.33 20.42
C GLU A 13 11.28 10.60 19.83
N MET A 14 10.10 10.45 19.25
CA MET A 14 9.41 11.57 18.61
C MET A 14 8.13 11.94 19.33
N LYS A 15 8.15 13.11 19.98
CA LYS A 15 6.99 13.58 20.72
C LYS A 15 6.07 14.48 19.91
N ASP A 16 6.59 14.99 18.78
CA ASP A 16 5.79 15.88 17.96
C ASP A 16 4.99 15.23 16.84
N PHE A 17 4.81 13.92 16.94
CA PHE A 17 3.99 13.20 15.96
C PHE A 17 3.10 12.24 16.73
N GLN A 18 1.82 12.22 16.40
CA GLN A 18 0.91 11.32 17.08
C GLN A 18 -0.09 10.68 16.15
N PHE A 19 -0.39 9.42 16.38
CA PHE A 19 -1.43 8.75 15.64
C PHE A 19 -2.57 8.82 16.65
N ARG A 20 -3.76 9.21 16.20
CA ARG A 20 -4.91 9.29 17.10
C ARG A 20 -6.03 8.46 16.48
N ALA A 21 -6.35 7.35 17.15
CA ALA A 21 -7.36 6.45 16.65
C ALA A 21 -8.76 7.01 16.55
N LEU A 22 -9.43 6.66 15.45
CA LEU A 22 -10.83 7.01 15.26
C LEU A 22 -11.54 5.69 15.62
N LYS A 23 -12.86 5.70 15.60
CA LYS A 23 -13.60 4.48 15.90
C LYS A 23 -13.32 3.41 14.85
N LYS A 24 -13.28 2.15 15.28
CA LYS A 24 -13.07 1.05 14.36
C LYS A 24 -14.41 0.76 13.69
N VAL A 25 -14.36 0.43 12.40
CA VAL A 25 -15.59 0.16 11.64
C VAL A 25 -15.54 -1.19 10.96
N ARG A 26 -16.50 -2.06 11.25
CA ARG A 26 -16.51 -3.36 10.60
C ARG A 26 -17.04 -3.22 9.19
N ILE A 27 -16.24 -3.65 8.21
CA ILE A 27 -16.63 -3.61 6.81
C ILE A 27 -17.05 -5.00 6.32
N PHE A 28 -16.30 -6.03 6.73
CA PHE A 28 -16.60 -7.40 6.32
C PHE A 28 -16.67 -8.28 7.57
N ASP A 29 -17.40 -9.39 7.47
CA ASP A 29 -17.51 -10.29 8.61
C ASP A 29 -16.17 -10.97 8.87
N SER A 30 -15.91 -11.30 10.13
CA SER A 30 -14.65 -11.98 10.47
C SER A 30 -14.55 -13.24 9.62
N PRO A 31 -13.38 -13.49 9.03
CA PRO A 31 -13.17 -14.67 8.18
C PRO A 31 -13.13 -15.94 9.03
N GLU A 32 -13.24 -17.09 8.38
CA GLU A 32 -13.22 -18.37 9.09
C GLU A 32 -11.78 -18.75 9.40
N GLU A 33 -10.87 -18.36 8.51
CA GLU A 33 -9.46 -18.64 8.68
C GLU A 33 -8.64 -17.39 8.40
N LEU A 34 -7.48 -17.28 9.02
CA LEU A 34 -6.63 -16.13 8.83
C LEU A 34 -6.10 -16.07 7.40
N PRO A 35 -6.33 -14.95 6.70
CA PRO A 35 -5.86 -14.76 5.31
C PRO A 35 -4.32 -14.77 5.30
N LYS A 36 -3.72 -15.59 4.45
CA LYS A 36 -2.26 -15.68 4.41
C LYS A 36 -1.50 -15.20 3.18
N GLU A 37 -2.15 -15.11 2.03
CA GLU A 37 -1.44 -14.67 0.84
C GLU A 37 -1.21 -13.17 0.83
N ARG A 38 -0.30 -12.70 -0.03
CA ARG A 38 -0.04 -11.26 -0.16
C ARG A 38 -1.32 -10.67 -0.72
N SER A 39 -1.78 -9.56 -0.15
CA SER A 39 -2.98 -8.93 -0.65
C SER A 39 -2.89 -7.42 -0.43
N SER A 40 -3.68 -6.65 -1.17
CA SER A 40 -3.70 -5.19 -1.00
C SER A 40 -5.17 -4.90 -1.28
N LEU A 41 -5.95 -4.90 -0.20
CA LEU A 41 -7.39 -4.77 -0.34
C LEU A 41 -8.06 -3.45 -0.03
N LEU A 42 -7.29 -2.39 -0.01
CA LEU A 42 -7.80 -1.04 0.22
C LEU A 42 -7.20 -0.11 -0.81
N ALA A 43 -8.02 0.73 -1.41
CA ALA A 43 -7.54 1.73 -2.35
C ALA A 43 -8.29 3.00 -2.00
N VAL A 44 -7.67 4.15 -2.27
CA VAL A 44 -8.32 5.41 -1.94
C VAL A 44 -8.24 6.38 -3.09
N SER A 45 -9.33 7.11 -3.31
CA SER A 45 -9.33 8.15 -4.31
C SER A 45 -9.25 9.42 -3.52
N ASN A 46 -8.10 10.09 -3.54
CA ASN A 46 -8.01 11.34 -2.82
C ASN A 46 -8.45 12.50 -3.70
N LYS A 47 -8.70 12.21 -4.98
CA LYS A 47 -9.20 13.27 -5.85
C LYS A 47 -10.69 13.39 -5.56
N TYR A 48 -11.37 12.27 -5.43
CA TYR A 48 -12.83 12.27 -5.23
C TYR A 48 -13.38 11.84 -3.87
N GLY A 49 -12.48 11.60 -2.91
CA GLY A 49 -12.94 11.24 -1.59
C GLY A 49 -13.71 9.94 -1.50
N LEU A 50 -13.13 8.88 -2.07
CA LEU A 50 -13.72 7.54 -2.06
C LEU A 50 -12.74 6.49 -1.56
N VAL A 51 -13.28 5.46 -0.92
CA VAL A 51 -12.48 4.34 -0.44
C VAL A 51 -13.06 3.07 -1.05
N PHE A 52 -12.18 2.21 -1.55
CA PHE A 52 -12.57 0.94 -2.15
C PHE A 52 -11.97 -0.17 -1.29
N ALA A 53 -12.82 -1.10 -0.84
CA ALA A 53 -12.36 -2.21 0.00
C ALA A 53 -12.75 -3.55 -0.62
N GLY A 54 -11.82 -4.50 -0.61
CA GLY A 54 -12.14 -5.81 -1.16
C GLY A 54 -12.27 -6.85 -0.06
N GLY A 55 -13.26 -7.72 -0.16
CA GLY A 55 -13.46 -8.75 0.85
C GLY A 55 -14.38 -9.88 0.41
N ALA A 56 -14.71 -10.75 1.35
CA ALA A 56 -15.58 -11.90 1.07
C ALA A 56 -16.86 -11.55 0.33
N SER A 57 -17.54 -10.48 0.74
CA SER A 57 -18.79 -10.11 0.09
C SER A 57 -18.60 -9.50 -1.29
N GLY A 58 -17.36 -9.12 -1.61
CA GLY A 58 -17.06 -8.52 -2.90
C GLY A 58 -16.33 -7.20 -2.76
N LEU A 59 -16.74 -6.22 -3.56
CA LEU A 59 -16.14 -4.89 -3.55
C LEU A 59 -17.07 -3.90 -2.84
N GLN A 60 -16.55 -3.19 -1.86
CA GLN A 60 -17.34 -2.19 -1.13
C GLN A 60 -16.77 -0.81 -1.45
N ILE A 61 -17.64 0.13 -1.79
CA ILE A 61 -17.19 1.48 -2.11
C ILE A 61 -17.89 2.48 -1.21
N PHE A 62 -17.10 3.35 -0.60
CA PHE A 62 -17.68 4.34 0.32
C PHE A 62 -17.17 5.75 0.16
N PRO A 63 -18.01 6.73 0.55
CA PRO A 63 -17.55 8.11 0.47
C PRO A 63 -16.60 8.03 1.67
N THR A 64 -15.33 8.37 1.51
CA THR A 64 -14.39 8.28 2.61
C THR A 64 -14.90 8.86 3.94
N LYS A 65 -15.47 10.06 3.88
CA LYS A 65 -15.96 10.69 5.10
C LYS A 65 -16.93 9.84 5.91
N ASN A 66 -17.71 8.99 5.23
CA ASN A 66 -18.67 8.12 5.90
C ASN A 66 -18.05 7.03 6.77
N LEU A 67 -16.78 6.71 6.52
CA LEU A 67 -16.08 5.67 7.27
C LEU A 67 -15.32 6.20 8.48
N LEU A 68 -15.22 7.51 8.59
CA LEU A 68 -14.48 8.12 9.67
C LEU A 68 -15.37 8.66 10.79
N ILE A 69 -15.30 8.00 11.94
CA ILE A 69 -16.08 8.36 13.12
C ILE A 69 -15.11 8.70 14.24
N GLN A 70 -15.03 9.99 14.57
CA GLN A 70 -14.14 10.48 15.60
C GLN A 70 -14.50 9.99 17.00
N ASN A 71 -13.49 9.60 17.78
CA ASN A 71 -13.71 9.13 19.14
C ASN A 71 -13.90 10.33 20.06
N LYS A 72 -14.98 10.34 20.83
CA LYS A 72 -15.21 11.45 21.75
C LYS A 72 -14.39 11.19 23.01
N PRO A 73 -13.92 12.26 23.66
CA PRO A 73 -13.12 12.12 24.89
C PRO A 73 -13.74 11.13 25.87
N GLY A 74 -13.04 10.03 26.12
CA GLY A 74 -13.54 9.03 27.04
C GLY A 74 -13.95 7.72 26.40
N ASP A 75 -14.56 7.80 25.22
CA ASP A 75 -15.02 6.62 24.49
C ASP A 75 -14.10 5.41 24.61
N ASP A 76 -14.69 4.22 24.52
CA ASP A 76 -13.95 2.97 24.60
C ASP A 76 -13.35 2.67 23.23
N PRO A 77 -12.04 2.91 23.07
CA PRO A 77 -11.34 2.67 21.81
C PRO A 77 -11.32 1.20 21.34
N ASN A 78 -11.83 0.30 22.18
CA ASN A 78 -11.87 -1.11 21.83
C ASN A 78 -13.16 -1.46 21.12
N LYS A 79 -14.09 -0.51 21.09
CA LYS A 79 -15.38 -0.70 20.47
C LYS A 79 -15.33 -0.68 18.94
N ILE A 80 -16.27 -1.39 18.33
CA ILE A 80 -16.36 -1.46 16.88
C ILE A 80 -17.80 -1.17 16.47
N VAL A 81 -17.97 -0.23 15.54
CA VAL A 81 -19.30 0.10 15.05
C VAL A 81 -19.44 -0.63 13.71
N ASP A 82 -20.65 -1.04 13.36
CA ASP A 82 -20.81 -1.77 12.10
C ASP A 82 -21.07 -0.88 10.88
N LYS A 83 -20.66 -1.39 9.73
CA LYS A 83 -20.76 -0.73 8.43
C LYS A 83 -21.63 0.51 8.31
N VAL A 84 -21.14 1.48 7.53
CA VAL A 84 -21.85 2.72 7.30
C VAL A 84 -22.42 2.66 5.89
N GLN A 85 -23.20 1.62 5.63
CA GLN A 85 -23.83 1.35 4.34
C GLN A 85 -23.29 2.14 3.15
N GLY A 86 -22.53 1.45 2.29
CA GLY A 86 -21.97 2.07 1.11
C GLY A 86 -22.47 1.34 -0.13
N LEU A 87 -21.65 1.27 -1.16
CA LEU A 87 -22.04 0.57 -2.37
C LEU A 87 -21.37 -0.79 -2.45
N LEU A 88 -22.18 -1.84 -2.45
CA LEU A 88 -21.62 -3.19 -2.55
C LEU A 88 -21.71 -3.68 -3.98
N VAL A 89 -20.57 -4.11 -4.51
CA VAL A 89 -20.48 -4.62 -5.86
C VAL A 89 -20.06 -6.08 -5.77
N PRO A 90 -21.01 -7.01 -5.98
CA PRO A 90 -20.70 -8.43 -5.92
C PRO A 90 -19.73 -8.82 -7.02
N MET A 91 -18.84 -9.76 -6.70
CA MET A 91 -17.85 -10.27 -7.64
C MET A 91 -17.98 -11.78 -7.67
N LYS A 92 -17.80 -12.37 -8.84
CA LYS A 92 -17.90 -13.81 -9.02
C LYS A 92 -16.76 -14.58 -8.34
N PHE A 93 -15.61 -13.93 -8.22
CA PHE A 93 -14.44 -14.57 -7.61
C PHE A 93 -13.83 -13.69 -6.52
N PRO A 94 -13.11 -14.29 -5.57
CA PRO A 94 -12.49 -13.51 -4.48
C PRO A 94 -11.40 -12.57 -5.00
N ILE A 95 -11.39 -11.36 -4.46
CA ILE A 95 -10.43 -10.32 -4.85
C ILE A 95 -9.21 -10.40 -3.95
N HIS A 96 -8.01 -10.27 -4.51
CA HIS A 96 -6.80 -10.26 -3.68
C HIS A 96 -6.00 -8.96 -3.84
N HIS A 97 -6.41 -8.11 -4.78
CA HIS A 97 -5.71 -6.86 -5.00
C HIS A 97 -6.60 -5.79 -5.64
N LEU A 98 -6.51 -4.58 -5.12
CA LEU A 98 -7.25 -3.42 -5.63
C LEU A 98 -6.27 -2.26 -5.78
N ALA A 99 -6.40 -1.48 -6.84
CA ALA A 99 -5.52 -0.35 -7.04
C ALA A 99 -6.21 0.66 -7.95
N LEU A 100 -5.80 1.92 -7.82
CA LEU A 100 -6.40 3.01 -8.57
C LEU A 100 -5.40 3.75 -9.44
N SER A 101 -5.85 4.15 -10.63
CA SER A 101 -5.02 4.89 -11.57
C SER A 101 -4.77 6.29 -11.02
N CYS A 102 -3.74 6.95 -11.55
CA CYS A 102 -3.40 8.28 -11.07
C CYS A 102 -4.50 9.32 -11.28
N ASP A 103 -5.33 9.14 -12.30
CA ASP A 103 -6.41 10.09 -12.51
C ASP A 103 -7.64 9.67 -11.70
N ASN A 104 -7.49 8.59 -10.93
CA ASN A 104 -8.57 8.07 -10.09
C ASN A 104 -9.81 7.67 -10.90
N LEU A 105 -9.63 7.38 -12.18
CA LEU A 105 -10.77 7.01 -13.02
C LEU A 105 -10.87 5.51 -13.29
N THR A 106 -9.78 4.79 -13.04
CA THR A 106 -9.76 3.34 -13.29
C THR A 106 -9.39 2.58 -12.02
N LEU A 107 -10.22 1.60 -11.67
CA LEU A 107 -9.95 0.78 -10.49
C LEU A 107 -9.72 -0.65 -10.98
N SER A 108 -8.58 -1.21 -10.61
CA SER A 108 -8.27 -2.58 -11.00
C SER A 108 -8.61 -3.49 -9.83
N ALA A 109 -9.14 -4.67 -10.12
CA ALA A 109 -9.50 -5.63 -9.07
C ALA A 109 -9.03 -7.00 -9.54
N CYS A 110 -8.03 -7.55 -8.85
CA CYS A 110 -7.46 -8.85 -9.22
C CYS A 110 -8.16 -9.96 -8.50
N MET A 111 -8.53 -11.00 -9.25
CA MET A 111 -9.22 -12.14 -8.67
C MET A 111 -8.61 -13.45 -9.13
N MET A 112 -8.92 -14.52 -8.41
CA MET A 112 -8.43 -15.85 -8.76
C MET A 112 -9.63 -16.75 -8.98
N SER A 113 -9.68 -17.39 -10.15
CA SER A 113 -10.76 -18.30 -10.51
C SER A 113 -10.12 -19.67 -10.77
N SER A 114 -10.72 -20.74 -10.24
CA SER A 114 -10.14 -22.05 -10.47
C SER A 114 -10.27 -22.42 -11.94
N GLU A 115 -11.40 -22.03 -12.53
CA GLU A 115 -11.67 -22.31 -13.93
C GLU A 115 -10.89 -21.46 -14.90
N TYR A 116 -10.89 -20.14 -14.68
CA TYR A 116 -10.23 -19.21 -15.57
C TYR A 116 -8.85 -18.71 -15.19
N GLY A 117 -8.43 -19.02 -13.97
CA GLY A 117 -7.13 -18.57 -13.52
C GLY A 117 -7.24 -17.14 -12.98
N SER A 118 -6.09 -16.48 -12.87
CA SER A 118 -6.03 -15.13 -12.35
C SER A 118 -6.54 -14.13 -13.38
N ILE A 119 -7.47 -13.26 -12.98
CA ILE A 119 -8.00 -12.28 -13.90
C ILE A 119 -8.06 -10.91 -13.26
N ILE A 120 -7.90 -9.86 -14.06
CA ILE A 120 -7.96 -8.50 -13.54
C ILE A 120 -9.17 -7.82 -14.17
N ALA A 121 -10.05 -7.30 -13.33
CA ALA A 121 -11.21 -6.59 -13.82
C ALA A 121 -10.86 -5.11 -13.69
N PHE A 122 -11.28 -4.31 -14.67
CA PHE A 122 -11.01 -2.87 -14.65
C PHE A 122 -12.35 -2.12 -14.63
N PHE A 123 -12.56 -1.32 -13.59
CA PHE A 123 -13.79 -0.56 -13.45
C PHE A 123 -13.55 0.92 -13.71
N ASP A 124 -14.56 1.57 -14.27
CA ASP A 124 -14.49 3.01 -14.50
C ASP A 124 -15.16 3.57 -13.24
N VAL A 125 -14.42 4.38 -12.49
CA VAL A 125 -14.94 4.95 -11.26
C VAL A 125 -16.26 5.69 -11.45
N ARG A 126 -16.45 6.28 -12.63
CA ARG A 126 -17.69 6.99 -12.92
C ARG A 126 -18.90 6.06 -12.87
N THR A 127 -18.71 4.78 -13.19
CA THR A 127 -19.84 3.86 -13.15
C THR A 127 -20.42 3.76 -11.74
N PHE A 128 -19.55 3.77 -10.74
CA PHE A 128 -19.99 3.66 -9.35
C PHE A 128 -20.87 4.82 -8.94
N SER A 129 -20.65 5.98 -9.55
CA SER A 129 -21.40 7.18 -9.23
C SER A 129 -22.64 7.33 -10.11
N ASN A 130 -22.64 6.62 -11.22
CA ASN A 130 -23.75 6.67 -12.16
C ASN A 130 -24.94 5.90 -11.59
N GLU A 131 -25.86 6.63 -10.95
CA GLU A 131 -27.03 5.99 -10.35
C GLU A 131 -27.92 5.35 -11.41
N ALA A 132 -27.69 5.70 -12.67
CA ALA A 132 -28.49 5.14 -13.77
C ALA A 132 -28.15 3.69 -14.03
N LYS A 133 -27.08 3.20 -13.42
CA LYS A 133 -26.67 1.82 -13.60
C LYS A 133 -26.74 1.06 -12.28
N GLN A 134 -27.74 0.18 -12.16
CA GLN A 134 -27.92 -0.61 -10.94
C GLN A 134 -26.80 -1.61 -10.77
N GLN A 135 -26.40 -2.25 -11.86
CA GLN A 135 -25.33 -3.21 -11.79
C GLN A 135 -24.03 -2.54 -12.23
N LYS A 136 -23.01 -2.64 -11.39
CA LYS A 136 -21.72 -2.03 -11.69
C LYS A 136 -20.80 -3.07 -12.33
N ARG A 137 -20.62 -2.95 -13.64
CA ARG A 137 -19.78 -3.89 -14.37
C ARG A 137 -18.46 -3.30 -14.83
N PRO A 138 -17.41 -4.13 -14.85
CA PRO A 138 -16.09 -3.66 -15.30
C PRO A 138 -16.23 -3.38 -16.80
N PHE A 139 -15.42 -2.48 -17.33
CA PHE A 139 -15.50 -2.20 -18.76
C PHE A 139 -14.52 -3.07 -19.53
N ALA A 140 -13.60 -3.71 -18.81
CA ALA A 140 -12.61 -4.58 -19.42
C ALA A 140 -12.02 -5.57 -18.43
N TYR A 141 -11.47 -6.65 -18.98
CA TYR A 141 -10.84 -7.71 -18.21
C TYR A 141 -9.52 -8.06 -18.85
N HIS A 142 -8.55 -8.50 -18.05
CA HIS A 142 -7.29 -8.96 -18.58
C HIS A 142 -7.00 -10.29 -17.92
N LYS A 143 -6.94 -11.35 -18.71
CA LYS A 143 -6.64 -12.68 -18.17
C LYS A 143 -5.14 -12.87 -18.06
N LEU A 144 -4.68 -13.33 -16.91
CA LEU A 144 -3.26 -13.58 -16.70
C LEU A 144 -2.85 -14.98 -17.15
N LEU A 145 -3.83 -15.83 -17.44
CA LEU A 145 -3.59 -17.17 -17.97
C LEU A 145 -2.81 -18.17 -17.11
N LYS A 146 -2.80 -17.95 -15.80
CA LYS A 146 -2.10 -18.84 -14.88
C LYS A 146 -2.88 -19.05 -13.59
N ASP A 147 -2.48 -20.04 -12.82
CA ASP A 147 -3.11 -20.34 -11.54
C ASP A 147 -2.31 -19.73 -10.38
N ALA A 148 -1.80 -20.57 -9.49
CA ALA A 148 -1.05 -20.08 -8.34
C ALA A 148 0.04 -19.10 -8.75
N GLY A 149 0.70 -19.40 -9.87
CA GLY A 149 1.75 -18.54 -10.38
C GLY A 149 1.19 -17.24 -10.93
N GLY A 150 -0.13 -17.18 -11.05
CA GLY A 150 -0.79 -16.00 -11.58
C GLY A 150 -1.31 -15.02 -10.54
N MET A 151 -1.19 -15.36 -9.26
CA MET A 151 -1.63 -14.45 -8.21
C MET A 151 -0.84 -13.17 -8.36
N VAL A 152 -1.52 -12.03 -8.30
CA VAL A 152 -0.83 -10.75 -8.44
C VAL A 152 -0.21 -10.45 -7.08
N ILE A 153 1.11 -10.30 -7.03
CA ILE A 153 1.76 -10.03 -5.76
C ILE A 153 2.13 -8.56 -5.59
N ASP A 154 2.10 -7.81 -6.69
CA ASP A 154 2.39 -6.38 -6.65
C ASP A 154 1.85 -5.76 -7.94
N MET A 155 1.08 -4.70 -7.80
CA MET A 155 0.53 -4.02 -8.97
C MET A 155 0.38 -2.56 -8.59
N LYS A 156 0.93 -1.69 -9.43
CA LYS A 156 0.88 -0.27 -9.16
C LYS A 156 0.69 0.53 -10.43
N TRP A 157 -0.23 1.47 -10.39
CA TRP A 157 -0.48 2.33 -11.54
C TRP A 157 0.58 3.43 -11.56
N ASN A 158 0.95 3.83 -12.78
CA ASN A 158 1.96 4.87 -12.99
C ASN A 158 1.43 6.16 -12.35
N PRO A 159 2.27 6.88 -11.59
CA PRO A 159 1.81 8.12 -10.96
C PRO A 159 1.49 9.28 -11.89
N THR A 160 1.99 9.24 -13.12
CA THR A 160 1.73 10.35 -14.03
C THR A 160 1.09 9.95 -15.37
N VAL A 161 1.10 8.67 -15.69
CA VAL A 161 0.51 8.19 -16.94
C VAL A 161 -0.74 7.41 -16.53
N PRO A 162 -1.93 8.04 -16.67
CA PRO A 162 -3.21 7.43 -16.31
C PRO A 162 -3.50 6.01 -16.81
N SER A 163 -3.05 5.70 -18.01
CA SER A 163 -3.33 4.39 -18.60
C SER A 163 -2.30 3.29 -18.32
N MET A 164 -1.18 3.65 -17.71
CA MET A 164 -0.12 2.68 -17.49
C MET A 164 -0.11 2.04 -16.10
N VAL A 165 0.00 0.72 -16.06
CA VAL A 165 0.03 0.00 -14.79
C VAL A 165 1.01 -1.17 -14.90
N ALA A 166 1.77 -1.40 -13.82
CA ALA A 166 2.77 -2.49 -13.79
C ALA A 166 2.22 -3.60 -12.91
N VAL A 167 2.35 -4.84 -13.38
CA VAL A 167 1.83 -6.01 -12.67
C VAL A 167 2.89 -7.09 -12.47
N CYS A 168 3.06 -7.54 -11.23
CA CYS A 168 4.01 -8.61 -10.89
C CYS A 168 3.24 -9.82 -10.43
N LEU A 169 3.59 -11.00 -10.94
CA LEU A 169 2.90 -12.21 -10.56
C LEU A 169 3.76 -13.11 -9.67
N ALA A 170 3.09 -14.01 -8.98
CA ALA A 170 3.76 -14.94 -8.08
C ALA A 170 4.83 -15.78 -8.76
N ASP A 171 4.67 -16.03 -10.06
CA ASP A 171 5.65 -16.84 -10.78
C ASP A 171 6.93 -16.10 -11.16
N GLY A 172 6.97 -14.80 -10.91
CA GLY A 172 8.16 -14.03 -11.21
C GLY A 172 8.09 -13.20 -12.47
N SER A 173 7.00 -13.31 -13.20
CA SER A 173 6.85 -12.54 -14.43
C SER A 173 6.28 -11.16 -14.12
N ILE A 174 6.41 -10.24 -15.05
CA ILE A 174 5.89 -8.90 -14.91
C ILE A 174 5.38 -8.42 -16.26
N ALA A 175 4.34 -7.60 -16.23
CA ALA A 175 3.77 -7.06 -17.45
C ALA A 175 3.41 -5.61 -17.25
N VAL A 176 3.62 -4.79 -18.27
CA VAL A 176 3.26 -3.38 -18.20
C VAL A 176 2.05 -3.33 -19.12
N LEU A 177 0.93 -2.83 -18.59
CA LEU A 177 -0.30 -2.76 -19.34
C LEU A 177 -0.74 -1.33 -19.60
N GLN A 178 -1.44 -1.15 -20.71
CA GLN A 178 -1.99 0.14 -21.05
C GLN A 178 -3.50 -0.06 -21.04
N VAL A 179 -4.18 0.69 -20.21
CA VAL A 179 -5.63 0.57 -20.09
C VAL A 179 -6.31 1.88 -20.47
N THR A 180 -7.01 1.86 -21.59
CA THR A 180 -7.75 3.02 -22.07
C THR A 180 -9.21 2.56 -22.12
N GLU A 181 -9.73 2.37 -23.33
CA GLU A 181 -11.09 1.89 -23.47
C GLU A 181 -10.99 0.37 -23.42
N THR A 182 -9.81 -0.13 -23.73
CA THR A 182 -9.53 -1.56 -23.73
C THR A 182 -8.19 -1.79 -23.05
N VAL A 183 -7.80 -3.05 -22.92
CA VAL A 183 -6.52 -3.36 -22.29
C VAL A 183 -5.53 -3.81 -23.35
N LYS A 184 -4.30 -3.32 -23.25
CA LYS A 184 -3.25 -3.68 -24.19
C LYS A 184 -1.96 -3.99 -23.42
N VAL A 185 -1.25 -5.04 -23.82
CA VAL A 185 0.01 -5.38 -23.16
C VAL A 185 1.11 -4.64 -23.90
N CYS A 186 1.84 -3.77 -23.17
CA CYS A 186 2.92 -2.99 -23.76
C CYS A 186 4.24 -3.71 -23.73
N ALA A 187 4.54 -4.36 -22.60
CA ALA A 187 5.80 -5.06 -22.46
C ALA A 187 5.65 -6.10 -21.36
N THR A 188 6.52 -7.11 -21.41
CA THR A 188 6.50 -8.18 -20.42
C THR A 188 7.91 -8.73 -20.22
N LEU A 189 8.08 -9.49 -19.14
CA LEU A 189 9.34 -10.14 -18.82
C LEU A 189 8.92 -11.53 -18.35
N PRO A 190 9.57 -12.57 -18.87
CA PRO A 190 9.23 -13.94 -18.47
C PRO A 190 9.52 -14.24 -17.01
N SER A 191 8.89 -15.29 -16.49
CA SER A 191 9.06 -15.70 -15.09
C SER A 191 10.51 -15.94 -14.72
N THR A 192 11.35 -16.23 -15.72
CA THR A 192 12.75 -16.49 -15.46
C THR A 192 13.50 -15.27 -14.90
N VAL A 193 12.92 -14.08 -15.09
CA VAL A 193 13.55 -12.87 -14.58
C VAL A 193 13.43 -12.86 -13.07
N ALA A 194 12.43 -13.58 -12.57
CA ALA A 194 12.18 -13.69 -11.14
C ALA A 194 11.96 -12.34 -10.44
N VAL A 195 10.93 -11.62 -10.87
CA VAL A 195 10.57 -10.32 -10.29
C VAL A 195 9.71 -10.58 -9.05
N THR A 196 9.90 -9.79 -8.00
CA THR A 196 9.14 -9.97 -6.78
C THR A 196 8.34 -8.73 -6.38
N SER A 197 8.71 -7.59 -6.96
CA SER A 197 8.01 -6.35 -6.61
C SER A 197 8.32 -5.25 -7.60
N VAL A 198 7.51 -4.20 -7.58
CA VAL A 198 7.74 -3.08 -8.49
C VAL A 198 7.31 -1.77 -7.89
N CYS A 199 7.91 -0.68 -8.38
CA CYS A 199 7.54 0.65 -7.92
C CYS A 199 7.96 1.64 -8.97
N TRP A 200 7.07 2.55 -9.32
CA TRP A 200 7.41 3.56 -10.33
C TRP A 200 8.26 4.66 -9.72
N SER A 201 9.05 5.32 -10.56
CA SER A 201 9.85 6.44 -10.10
C SER A 201 8.83 7.55 -9.77
N PRO A 202 9.21 8.54 -8.95
CA PRO A 202 8.30 9.64 -8.57
C PRO A 202 7.45 10.23 -9.69
N LYS A 203 8.05 10.52 -10.83
CA LYS A 203 7.28 11.09 -11.94
C LYS A 203 6.86 10.08 -13.01
N GLY A 204 7.01 8.79 -12.70
CA GLY A 204 6.59 7.73 -13.61
C GLY A 204 7.39 7.53 -14.89
N LYS A 205 8.63 8.00 -14.90
CA LYS A 205 9.49 7.88 -16.08
C LYS A 205 10.18 6.52 -16.15
N GLN A 206 10.38 5.91 -14.98
CA GLN A 206 11.01 4.61 -14.91
C GLN A 206 10.28 3.71 -13.93
N LEU A 207 10.55 2.42 -14.03
CA LEU A 207 9.96 1.41 -13.16
C LEU A 207 11.08 0.66 -12.48
N ALA A 208 11.00 0.52 -11.16
CA ALA A 208 12.00 -0.23 -10.42
C ALA A 208 11.36 -1.58 -10.12
N VAL A 209 12.14 -2.64 -10.30
CA VAL A 209 11.62 -3.97 -10.02
C VAL A 209 12.56 -4.66 -9.04
N GLY A 210 11.98 -5.24 -7.99
CA GLY A 210 12.76 -5.96 -7.00
C GLY A 210 12.89 -7.37 -7.54
N LYS A 211 13.99 -8.04 -7.25
CA LYS A 211 14.18 -9.39 -7.77
C LYS A 211 14.51 -10.44 -6.74
N GLN A 212 14.30 -11.69 -7.13
CA GLN A 212 14.58 -12.84 -6.30
C GLN A 212 16.07 -12.86 -5.90
N ASN A 213 16.94 -12.35 -6.76
CA ASN A 213 18.37 -12.35 -6.46
C ASN A 213 18.82 -11.22 -5.55
N GLY A 214 17.86 -10.45 -5.02
CA GLY A 214 18.22 -9.39 -4.10
C GLY A 214 18.54 -8.04 -4.71
N THR A 215 18.47 -7.93 -6.02
CA THR A 215 18.78 -6.66 -6.65
C THR A 215 17.53 -5.90 -7.03
N VAL A 216 17.68 -4.62 -7.31
CA VAL A 216 16.58 -3.79 -7.76
C VAL A 216 17.05 -3.22 -9.09
N VAL A 217 16.28 -3.46 -10.14
CA VAL A 217 16.62 -3.01 -11.47
C VAL A 217 15.67 -1.91 -11.95
N GLN A 218 16.27 -0.83 -12.45
CA GLN A 218 15.53 0.31 -12.99
C GLN A 218 15.32 0.07 -14.49
N TYR A 219 14.07 0.12 -14.93
CA TYR A 219 13.69 -0.10 -16.33
C TYR A 219 12.93 1.09 -16.89
N LEU A 220 12.90 1.16 -18.21
CA LEU A 220 12.11 2.18 -18.87
C LEU A 220 10.76 1.48 -18.94
N PRO A 221 9.67 2.22 -19.17
CA PRO A 221 8.36 1.58 -19.24
C PRO A 221 8.30 0.49 -20.31
N THR A 222 9.28 0.52 -21.22
CA THR A 222 9.38 -0.45 -22.31
C THR A 222 10.10 -1.70 -21.83
N LEU A 223 10.53 -1.66 -20.56
CA LEU A 223 11.25 -2.75 -19.92
C LEU A 223 12.65 -2.95 -20.47
N GLN A 224 13.29 -1.83 -20.78
CA GLN A 224 14.67 -1.81 -21.24
C GLN A 224 15.47 -1.43 -20.00
N GLU A 225 16.40 -2.29 -19.60
CA GLU A 225 17.20 -2.04 -18.40
C GLU A 225 17.97 -0.72 -18.44
N LYS A 226 17.93 0.01 -17.34
CA LYS A 226 18.61 1.29 -17.23
C LYS A 226 19.70 1.35 -16.16
N LYS A 227 19.43 0.76 -15.00
CA LYS A 227 20.40 0.76 -13.91
C LYS A 227 20.14 -0.43 -12.99
N VAL A 228 21.18 -0.88 -12.31
CA VAL A 228 21.03 -2.01 -11.39
C VAL A 228 21.49 -1.61 -9.99
N ILE A 229 20.65 -1.88 -9.00
CA ILE A 229 20.97 -1.58 -7.62
C ILE A 229 21.36 -2.94 -7.03
N PRO A 230 22.61 -3.06 -6.57
CA PRO A 230 23.15 -4.29 -5.98
C PRO A 230 22.51 -4.70 -4.67
N CYS A 231 22.56 -5.98 -4.39
CA CYS A 231 22.03 -6.50 -3.13
C CYS A 231 22.99 -5.89 -2.10
N PRO A 232 22.46 -5.39 -0.97
CA PRO A 232 23.34 -4.80 0.03
C PRO A 232 24.52 -5.69 0.41
N PRO A 233 25.71 -5.10 0.52
CA PRO A 233 26.95 -5.81 0.88
C PRO A 233 26.89 -6.67 2.13
N PHE A 234 26.05 -6.29 3.10
CA PHE A 234 25.97 -7.07 4.32
C PHE A 234 25.18 -8.36 4.19
N TYR A 235 24.77 -8.68 2.96
CA TYR A 235 24.06 -9.92 2.69
C TYR A 235 25.01 -10.92 2.04
N GLU A 236 25.40 -11.92 2.81
CA GLU A 236 26.32 -12.98 2.38
C GLU A 236 25.68 -14.02 1.49
N SER A 237 26.52 -14.71 0.71
CA SER A 237 26.03 -15.74 -0.19
C SER A 237 25.44 -16.93 0.58
N ASP A 238 25.82 -17.07 1.84
CA ASP A 238 25.31 -18.18 2.65
C ASP A 238 23.89 -17.97 3.12
N HIS A 239 23.41 -16.74 3.01
CA HIS A 239 22.05 -16.40 3.40
C HIS A 239 21.49 -15.39 2.41
N PRO A 240 21.12 -15.87 1.22
CA PRO A 240 20.57 -14.99 0.19
C PRO A 240 19.23 -14.37 0.57
N VAL A 241 19.00 -13.16 0.07
CA VAL A 241 17.75 -12.48 0.35
C VAL A 241 17.15 -12.09 -0.99
N ARG A 242 15.84 -11.97 -1.02
CA ARG A 242 15.17 -11.53 -2.22
C ARG A 242 14.53 -10.21 -1.82
N VAL A 243 14.22 -9.38 -2.80
CA VAL A 243 13.57 -8.12 -2.50
C VAL A 243 12.12 -8.49 -2.26
N LEU A 244 11.53 -7.96 -1.20
CA LEU A 244 10.15 -8.22 -0.85
C LEU A 244 9.25 -7.10 -1.35
N ASP A 245 9.70 -5.86 -1.14
CA ASP A 245 8.96 -4.68 -1.55
C ASP A 245 9.92 -3.53 -1.79
N VAL A 246 9.50 -2.58 -2.62
CA VAL A 246 10.35 -1.45 -2.91
C VAL A 246 9.54 -0.18 -3.05
N LEU A 247 10.12 0.92 -2.57
CA LEU A 247 9.52 2.23 -2.69
C LEU A 247 10.56 3.19 -3.24
N TRP A 248 10.29 3.72 -4.42
CA TRP A 248 11.19 4.67 -5.05
C TRP A 248 10.77 6.06 -4.57
N ILE A 249 11.52 6.57 -3.59
CA ILE A 249 11.21 7.84 -2.97
C ILE A 249 11.67 9.06 -3.74
N GLY A 250 12.92 9.02 -4.20
CA GLY A 250 13.46 10.13 -4.95
C GLY A 250 14.40 9.52 -5.97
N THR A 251 14.86 10.32 -6.93
CA THR A 251 15.74 9.79 -7.96
C THR A 251 16.79 8.83 -7.44
N TYR A 252 17.51 9.22 -6.40
CA TYR A 252 18.57 8.41 -5.84
C TYR A 252 18.25 7.85 -4.45
N VAL A 253 16.97 7.83 -4.09
CA VAL A 253 16.60 7.34 -2.77
C VAL A 253 15.50 6.28 -2.82
N PHE A 254 15.78 5.13 -2.19
CA PHE A 254 14.83 4.01 -2.16
C PHE A 254 14.67 3.41 -0.77
N ALA A 255 13.50 2.84 -0.51
CA ALA A 255 13.28 2.08 0.71
C ALA A 255 13.14 0.68 0.08
N ILE A 256 13.97 -0.26 0.51
CA ILE A 256 13.92 -1.61 -0.05
C ILE A 256 13.82 -2.58 1.10
N VAL A 257 12.91 -3.53 0.98
CA VAL A 257 12.73 -4.50 2.05
C VAL A 257 13.22 -5.84 1.53
N TYR A 258 14.03 -6.52 2.34
CA TYR A 258 14.60 -7.80 1.94
C TYR A 258 14.12 -8.89 2.88
N ALA A 259 13.82 -10.05 2.32
CA ALA A 259 13.38 -11.20 3.11
C ALA A 259 14.21 -12.42 2.71
N ALA A 260 14.13 -13.49 3.48
CA ALA A 260 14.87 -14.71 3.17
C ALA A 260 14.52 -15.16 1.75
N ALA A 261 15.55 -15.41 0.94
CA ALA A 261 15.33 -15.83 -0.44
C ALA A 261 14.46 -17.09 -0.56
N ASP A 262 14.57 -17.98 0.43
CA ASP A 262 13.80 -19.23 0.41
C ASP A 262 12.31 -19.10 0.69
N GLY A 263 11.86 -17.89 1.00
CA GLY A 263 10.44 -17.71 1.28
C GLY A 263 10.04 -18.06 2.70
N THR A 264 11.02 -18.33 3.56
CA THR A 264 10.78 -18.65 4.97
C THR A 264 10.02 -17.50 5.59
N LEU A 265 9.14 -17.79 6.55
CA LEU A 265 8.37 -16.73 7.20
C LEU A 265 8.79 -16.45 8.64
N GLU A 266 9.70 -17.25 9.19
CA GLU A 266 10.15 -17.05 10.56
C GLU A 266 11.21 -15.96 10.66
N THR A 267 11.91 -15.72 9.55
CA THR A 267 12.96 -14.70 9.49
C THR A 267 12.33 -13.35 9.17
N SER A 268 12.61 -12.35 10.00
CA SER A 268 12.04 -11.04 9.77
C SER A 268 12.68 -10.27 8.61
N PRO A 269 11.85 -9.67 7.76
CA PRO A 269 12.35 -8.89 6.61
C PRO A 269 13.11 -7.70 7.18
N ASP A 270 14.10 -7.20 6.44
CA ASP A 270 14.87 -6.03 6.86
C ASP A 270 14.44 -4.86 5.99
N VAL A 271 14.12 -3.74 6.63
CA VAL A 271 13.76 -2.54 5.89
C VAL A 271 15.04 -1.71 5.79
N VAL A 272 15.50 -1.49 4.57
CA VAL A 272 16.74 -0.76 4.33
C VAL A 272 16.54 0.51 3.51
N MET A 273 17.20 1.59 3.91
CA MET A 273 17.15 2.83 3.13
C MET A 273 18.39 2.86 2.25
N ALA A 274 18.20 3.10 0.95
CA ALA A 274 19.34 3.14 0.05
C ALA A 274 19.51 4.52 -0.56
N LEU A 275 20.72 5.06 -0.45
CA LEU A 275 21.03 6.36 -1.03
C LEU A 275 22.07 6.08 -2.10
N LEU A 276 21.70 6.35 -3.34
CA LEU A 276 22.59 6.12 -4.47
C LEU A 276 23.37 7.38 -4.81
N PRO A 277 24.58 7.22 -5.36
CA PRO A 277 25.38 8.39 -5.71
C PRO A 277 25.01 8.90 -7.09
N LYS A 278 25.18 10.20 -7.25
CA LYS A 278 24.97 10.83 -8.55
C LYS A 278 26.26 10.58 -9.34
N LYS A 279 26.13 10.19 -10.62
CA LYS A 279 27.31 9.89 -11.47
C LYS A 279 28.15 11.10 -11.58
N GLU A 280 28.46 11.52 -10.39
CA GLU A 280 29.28 12.68 -10.08
C GLU A 280 30.18 12.49 -8.79
N GLU A 281 29.49 12.17 -7.67
CA GLU A 281 29.93 11.98 -6.22
C GLU A 281 31.07 10.98 -5.86
N LYS A 282 31.23 9.95 -6.66
CA LYS A 282 32.26 8.93 -6.47
C LYS A 282 32.14 8.15 -5.17
N HIS A 283 31.03 8.33 -4.45
CA HIS A 283 30.82 7.60 -3.21
C HIS A 283 30.11 6.32 -3.59
N PRO A 284 30.31 5.24 -2.82
CA PRO A 284 29.63 3.99 -3.15
C PRO A 284 28.17 4.06 -2.69
N GLU A 285 27.35 3.09 -3.09
CA GLU A 285 25.96 3.11 -2.64
C GLU A 285 25.96 3.01 -1.13
N ILE A 286 25.03 3.71 -0.50
CA ILE A 286 24.91 3.68 0.94
C ILE A 286 23.62 2.94 1.27
N PHE A 287 23.72 1.95 2.14
CA PHE A 287 22.56 1.18 2.56
C PHE A 287 22.51 1.24 4.08
N VAL A 288 21.42 1.72 4.64
CA VAL A 288 21.28 1.77 6.09
C VAL A 288 20.18 0.79 6.46
N ASN A 289 20.51 -0.18 7.31
CA ASN A 289 19.57 -1.21 7.72
C ASN A 289 18.73 -0.81 8.92
N PHE A 290 17.41 -0.76 8.73
CA PHE A 290 16.49 -0.40 9.82
C PHE A 290 15.82 -1.67 10.39
N MET A 291 16.14 -2.83 9.84
CA MET A 291 15.62 -4.10 10.34
C MET A 291 14.13 -4.16 10.58
N GLU A 292 13.70 -4.49 11.75
CA GLU A 292 12.28 -4.63 11.78
C GLU A 292 11.51 -3.49 12.49
N PRO A 293 11.24 -2.38 11.79
CA PRO A 293 10.50 -1.28 12.44
C PRO A 293 9.08 -1.65 12.84
N CYS A 294 8.50 -2.59 12.11
CA CYS A 294 7.16 -3.09 12.42
C CYS A 294 7.43 -4.46 12.99
N TYR A 295 7.39 -4.61 14.32
CA TYR A 295 7.67 -5.92 14.89
C TYR A 295 6.78 -7.01 14.31
N GLY A 296 7.41 -8.04 13.74
CA GLY A 296 6.65 -9.11 13.11
C GLY A 296 6.25 -10.23 14.05
N SER A 297 5.06 -10.12 14.65
CA SER A 297 4.64 -11.17 15.57
C SER A 297 4.11 -12.41 14.86
N CYS A 298 3.45 -12.21 13.72
CA CYS A 298 2.89 -13.32 12.98
C CYS A 298 3.89 -14.05 12.10
N THR A 299 3.80 -15.37 12.11
CA THR A 299 4.71 -16.19 11.34
C THR A 299 3.93 -17.05 10.33
N GLU A 300 2.64 -16.74 10.18
CA GLU A 300 1.76 -17.49 9.29
C GLU A 300 1.50 -16.88 7.94
N ARG A 301 1.59 -15.55 7.87
CA ARG A 301 1.29 -14.85 6.62
C ARG A 301 2.47 -14.54 5.71
N GLN A 302 2.21 -14.50 4.40
CA GLN A 302 3.25 -14.20 3.43
C GLN A 302 3.67 -12.77 3.75
N HIS A 303 4.97 -12.51 3.75
CA HIS A 303 5.44 -11.17 4.08
C HIS A 303 5.06 -10.14 3.04
N HIS A 304 4.87 -8.92 3.53
CA HIS A 304 4.48 -7.81 2.68
C HIS A 304 4.90 -6.51 3.32
N TYR A 305 5.41 -5.59 2.98
CA TYR A 305 5.51 -4.30 3.64
C TYR A 305 4.74 -3.31 2.78
N TYR A 306 3.81 -2.61 3.41
CA TYR A 306 3.00 -1.58 2.76
C TYR A 306 3.77 -0.30 3.06
N LEU A 307 4.32 0.33 2.01
CA LEU A 307 5.12 1.53 2.20
C LEU A 307 4.52 2.71 1.48
N SER A 308 4.52 3.85 2.16
CA SER A 308 3.98 5.08 1.60
C SER A 308 4.92 6.26 1.89
N TYR A 309 5.18 7.11 0.90
CA TYR A 309 6.03 8.28 1.12
C TYR A 309 5.15 9.51 1.18
N ILE A 310 5.32 10.31 2.23
CA ILE A 310 4.56 11.54 2.37
C ILE A 310 5.60 12.64 2.16
N GLU A 311 5.71 13.09 0.91
CA GLU A 311 6.68 14.09 0.52
C GLU A 311 6.68 15.36 1.37
N GLU A 312 5.49 15.85 1.70
CA GLU A 312 5.39 17.08 2.48
C GLU A 312 5.87 16.98 3.93
N TRP A 313 6.02 15.76 4.42
CA TRP A 313 6.50 15.52 5.78
C TRP A 313 7.85 14.83 5.70
N ASP A 314 8.29 14.58 4.48
CA ASP A 314 9.54 13.88 4.20
C ASP A 314 9.70 12.65 5.09
N LEU A 315 8.71 11.77 5.04
CA LEU A 315 8.77 10.55 5.84
C LEU A 315 8.08 9.40 5.12
N VAL A 316 8.38 8.19 5.58
CA VAL A 316 7.79 6.98 5.01
C VAL A 316 6.99 6.28 6.08
N LEU A 317 5.75 5.92 5.75
CA LEU A 317 4.88 5.19 6.67
C LEU A 317 5.04 3.74 6.30
N ALA A 318 5.21 2.87 7.29
CA ALA A 318 5.40 1.45 7.00
C ALA A 318 4.46 0.57 7.82
N ALA A 319 3.86 -0.41 7.14
CA ALA A 319 3.00 -1.39 7.82
C ALA A 319 3.46 -2.73 7.26
N SER A 320 3.25 -3.81 8.02
CA SER A 320 3.72 -5.12 7.59
C SER A 320 2.64 -6.18 7.81
N ALA A 321 2.51 -7.10 6.86
CA ALA A 321 1.50 -8.15 6.99
C ALA A 321 1.70 -9.00 8.24
N ALA A 322 2.91 -8.99 8.78
CA ALA A 322 3.19 -9.79 9.98
C ALA A 322 3.15 -8.99 11.28
N SER A 323 2.79 -7.71 11.21
CA SER A 323 2.81 -6.86 12.38
C SER A 323 1.53 -6.13 12.67
N THR A 324 1.26 -5.89 13.96
CA THR A 324 0.07 -5.15 14.34
C THR A 324 0.35 -3.64 14.32
N GLU A 325 1.60 -3.26 14.12
CA GLU A 325 1.94 -1.84 14.19
C GLU A 325 2.38 -1.11 12.94
N VAL A 326 2.18 0.19 12.98
CA VAL A 326 2.58 1.07 11.89
C VAL A 326 3.81 1.83 12.41
N SER A 327 4.81 1.98 11.56
CA SER A 327 6.03 2.67 11.95
C SER A 327 6.39 3.75 10.95
N ILE A 328 7.27 4.65 11.36
CA ILE A 328 7.69 5.77 10.51
C ILE A 328 9.20 5.88 10.41
N LEU A 329 9.68 6.09 9.19
CA LEU A 329 11.10 6.34 8.94
C LEU A 329 11.06 7.77 8.36
N ALA A 330 11.81 8.67 8.97
CA ALA A 330 11.80 10.05 8.55
C ALA A 330 13.17 10.54 8.16
N ARG A 331 13.23 11.42 7.16
CA ARG A 331 14.52 11.95 6.75
C ARG A 331 14.95 13.01 7.77
N GLN A 332 16.23 13.02 8.10
CA GLN A 332 16.74 13.97 9.07
C GLN A 332 16.99 15.34 8.44
N SER A 333 17.30 16.33 9.28
CA SER A 333 17.54 17.69 8.79
C SER A 333 18.64 17.83 7.74
N ASP A 334 19.61 16.93 7.72
CA ASP A 334 20.68 17.03 6.72
C ASP A 334 20.20 16.57 5.34
N GLN A 335 18.93 16.18 5.27
CA GLN A 335 18.28 15.73 4.03
C GLN A 335 19.02 14.58 3.35
N ILE A 336 19.72 13.79 4.14
CA ILE A 336 20.48 12.66 3.62
C ILE A 336 20.21 11.38 4.39
N ASN A 337 20.32 11.47 5.70
CA ASN A 337 20.11 10.30 6.55
C ASN A 337 18.67 10.19 7.04
N TRP A 338 18.29 8.98 7.41
CA TRP A 338 16.94 8.70 7.89
C TRP A 338 16.97 8.18 9.32
N GLU A 339 15.82 8.22 9.99
CA GLU A 339 15.74 7.74 11.36
C GLU A 339 14.37 7.13 11.60
N SER A 340 14.34 6.12 12.47
CA SER A 340 13.11 5.46 12.84
C SER A 340 12.53 6.25 14.02
N TRP A 341 11.26 6.61 13.94
CA TRP A 341 10.63 7.35 15.03
C TRP A 341 9.98 6.40 16.02
N LEU A 342 10.29 6.62 17.30
CA LEU A 342 9.73 5.81 18.36
C LEU A 342 8.70 6.75 19.00
N LEU A 343 7.44 6.35 18.93
CA LEU A 343 6.37 7.18 19.43
C LEU A 343 5.97 6.84 20.86
N GLU A 344 5.33 7.80 21.53
CA GLU A 344 4.88 7.58 22.89
C GLU A 344 3.79 6.53 22.84
N ASP A 345 3.72 5.69 23.86
CA ASP A 345 2.74 4.61 23.89
C ASP A 345 1.31 4.99 23.53
N SER A 346 0.84 6.13 24.01
CA SER A 346 -0.52 6.56 23.72
C SER A 346 -0.68 7.19 22.36
N SER A 347 0.43 7.33 21.63
CA SER A 347 0.41 7.95 20.31
C SER A 347 0.71 6.97 19.19
N ARG A 348 0.63 5.68 19.47
CA ARG A 348 0.96 4.68 18.46
C ARG A 348 -0.27 4.23 17.68
N ALA A 349 -0.02 3.64 16.52
CA ALA A 349 -1.07 3.09 15.67
C ALA A 349 -0.89 1.59 15.66
N GLU A 350 -1.77 0.88 16.36
CA GLU A 350 -1.68 -0.57 16.42
C GLU A 350 -3.06 -1.18 16.17
N LEU A 351 -3.08 -2.27 15.41
CA LEU A 351 -4.33 -2.96 15.11
C LEU A 351 -4.81 -3.70 16.35
N PRO A 352 -6.12 -3.82 16.52
CA PRO A 352 -6.75 -4.49 17.67
C PRO A 352 -6.79 -5.99 17.61
N VAL A 353 -7.06 -6.59 18.77
CA VAL A 353 -7.19 -8.03 18.90
C VAL A 353 -8.66 -8.32 18.57
N THR A 354 -8.91 -9.49 18.01
CA THR A 354 -10.27 -9.88 17.63
C THR A 354 -11.01 -10.38 18.87
N ASP A 355 -12.34 -10.35 18.84
CA ASP A 355 -13.09 -10.81 20.00
C ASP A 355 -12.81 -12.29 20.27
N LYS A 356 -11.93 -12.88 19.46
CA LYS A 356 -11.53 -14.27 19.61
C LYS A 356 -10.12 -14.37 20.21
N SER A 357 -9.61 -13.24 20.69
CA SER A 357 -8.29 -13.17 21.32
C SER A 357 -7.10 -13.21 20.36
N ASP A 358 -7.34 -13.08 19.06
CA ASP A 358 -6.27 -13.12 18.08
C ASP A 358 -5.93 -11.70 17.60
N ASP A 359 -4.66 -11.47 17.26
CA ASP A 359 -4.24 -10.17 16.74
C ASP A 359 -4.78 -10.02 15.33
N SER A 360 -5.10 -8.78 14.94
CA SER A 360 -5.56 -8.56 13.57
C SER A 360 -4.33 -7.93 12.90
N LEU A 361 -4.18 -8.16 11.59
CA LEU A 361 -3.02 -7.69 10.84
C LEU A 361 -3.47 -6.97 9.59
N PRO A 362 -2.58 -6.18 8.96
CA PRO A 362 -3.04 -5.48 7.76
C PRO A 362 -3.23 -6.25 6.46
N MET A 363 -4.31 -5.91 5.76
CA MET A 363 -4.62 -6.49 4.44
C MET A 363 -4.66 -5.38 3.40
N GLY A 364 -4.68 -4.13 3.87
CA GLY A 364 -4.73 -2.98 2.97
C GLY A 364 -4.39 -1.75 3.79
N VAL A 365 -3.71 -0.79 3.17
CA VAL A 365 -3.29 0.41 3.88
C VAL A 365 -3.35 1.60 2.91
N VAL A 366 -4.03 2.67 3.31
CA VAL A 366 -4.11 3.87 2.48
C VAL A 366 -4.13 5.11 3.37
N VAL A 367 -3.93 6.28 2.77
CA VAL A 367 -4.00 7.52 3.53
C VAL A 367 -5.01 8.42 2.87
N ASP A 368 -5.92 8.98 3.68
CA ASP A 368 -6.93 9.89 3.19
C ASP A 368 -6.49 11.30 3.49
N TYR A 369 -6.50 12.13 2.45
CA TYR A 369 -6.11 13.54 2.58
C TYR A 369 -7.31 14.48 2.43
N THR A 370 -8.52 13.92 2.30
CA THR A 370 -9.70 14.76 2.11
C THR A 370 -10.49 15.10 3.37
N ASN A 371 -10.09 14.50 4.49
CA ASN A 371 -10.76 14.73 5.77
C ASN A 371 -10.83 16.22 6.09
N GLN A 372 -12.05 16.70 6.36
CA GLN A 372 -12.26 18.11 6.68
C GLN A 372 -12.80 18.31 8.11
N VAL A 373 -12.77 17.26 8.93
CA VAL A 373 -13.27 17.35 10.29
C VAL A 373 -12.19 17.70 11.30
N GLU A 374 -12.40 18.75 12.07
CA GLU A 374 -11.42 19.16 13.07
C GLU A 374 -11.36 18.14 14.19
N ILE A 375 -10.26 18.12 14.92
CA ILE A 375 -10.09 17.17 16.02
C ILE A 375 -10.41 17.82 17.36
N THR A 376 -11.44 17.30 18.02
CA THR A 376 -11.85 17.81 19.33
C THR A 376 -11.38 16.84 20.40
N ILE A 377 -10.49 17.30 21.28
CA ILE A 377 -9.98 16.46 22.35
C ILE A 377 -10.30 17.10 23.70
N SER A 378 -10.85 18.31 23.65
CA SER A 378 -11.21 19.06 24.85
C SER A 378 -11.89 20.36 24.46
N ASP A 379 -12.72 20.89 25.34
CA ASP A 379 -13.42 22.14 25.06
C ASP A 379 -12.45 23.31 25.02
N GLU A 380 -11.20 23.04 25.34
CA GLU A 380 -10.16 24.08 25.33
C GLU A 380 -9.26 23.94 24.11
N LYS A 381 -9.21 22.74 23.53
CA LYS A 381 -8.36 22.52 22.37
C LYS A 381 -9.05 21.81 21.21
N THR A 382 -8.83 22.36 20.02
CA THR A 382 -9.38 21.81 18.80
C THR A 382 -8.29 21.93 17.73
N LEU A 383 -7.85 20.78 17.23
CA LEU A 383 -6.80 20.75 16.22
C LEU A 383 -7.41 20.75 14.82
N PRO A 384 -6.76 21.42 13.86
CA PRO A 384 -7.29 21.45 12.49
C PRO A 384 -7.37 20.03 11.93
N PRO A 385 -8.18 19.82 10.88
CA PRO A 385 -8.33 18.49 10.27
C PRO A 385 -6.97 17.92 9.89
N ALA A 386 -6.79 16.61 10.07
CA ALA A 386 -5.53 15.97 9.75
C ALA A 386 -5.77 14.80 8.79
N PRO A 387 -4.72 14.39 8.06
CA PRO A 387 -4.86 13.26 7.14
C PRO A 387 -5.18 12.04 7.98
N VAL A 388 -5.75 11.01 7.37
CA VAL A 388 -6.10 9.81 8.13
C VAL A 388 -5.50 8.55 7.54
N LEU A 389 -4.75 7.82 8.36
CA LEU A 389 -4.15 6.56 7.92
C LEU A 389 -5.26 5.54 8.13
N MET A 390 -5.52 4.71 7.12
CA MET A 390 -6.58 3.73 7.22
C MET A 390 -6.06 2.33 6.93
N LEU A 391 -6.29 1.41 7.86
CA LEU A 391 -5.84 0.04 7.66
C LEU A 391 -7.02 -0.91 7.70
N LEU A 392 -7.07 -1.83 6.75
CA LEU A 392 -8.13 -2.84 6.71
C LEU A 392 -7.46 -4.06 7.31
N SER A 393 -8.03 -4.58 8.40
CA SER A 393 -7.44 -5.73 9.05
C SER A 393 -7.90 -7.09 8.54
N THR A 394 -7.16 -8.11 8.96
CA THR A 394 -7.47 -9.48 8.61
C THR A 394 -8.81 -9.90 9.21
N ASP A 395 -9.35 -9.09 10.14
CA ASP A 395 -10.63 -9.44 10.76
C ASP A 395 -11.80 -8.77 10.04
N GLY A 396 -11.49 -7.98 9.02
CA GLY A 396 -12.53 -7.29 8.26
C GLY A 396 -12.90 -5.94 8.84
N VAL A 397 -12.05 -5.40 9.70
CA VAL A 397 -12.32 -4.15 10.38
C VAL A 397 -11.43 -3.01 9.90
N LEU A 398 -12.04 -1.86 9.65
CA LEU A 398 -11.28 -0.71 9.20
C LEU A 398 -10.80 0.04 10.44
N CYS A 399 -9.49 0.24 10.56
CA CYS A 399 -8.94 0.96 11.70
C CYS A 399 -8.27 2.25 11.23
N PRO A 400 -8.95 3.40 11.41
CA PRO A 400 -8.39 4.68 10.99
C PRO A 400 -7.65 5.42 12.12
N PHE A 401 -6.65 6.22 11.74
CA PHE A 401 -5.86 7.01 12.68
C PHE A 401 -5.54 8.38 12.11
N TYR A 402 -5.85 9.44 12.87
CA TYR A 402 -5.48 10.77 12.43
C TYR A 402 -3.97 10.81 12.59
N MET A 403 -3.29 11.49 11.65
CA MET A 403 -1.85 11.65 11.73
C MET A 403 -1.60 13.12 12.04
N ILE A 404 -1.26 13.39 13.30
CA ILE A 404 -1.01 14.75 13.77
C ILE A 404 0.51 15.00 13.79
N ASN A 405 0.96 15.82 12.84
CA ASN A 405 2.38 16.12 12.74
C ASN A 405 2.61 17.55 13.18
N GLN A 406 3.22 17.72 14.35
CA GLN A 406 3.46 19.04 14.89
C GLN A 406 4.90 19.50 14.75
N ASN A 407 5.66 18.80 13.92
CA ASN A 407 7.04 19.17 13.67
C ASN A 407 7.01 20.52 12.96
N PRO A 408 8.01 21.38 13.23
CA PRO A 408 8.11 22.72 12.63
C PRO A 408 8.00 22.86 11.11
N GLY A 409 7.19 23.81 10.68
CA GLY A 409 7.03 24.06 9.26
C GLY A 409 6.05 23.22 8.46
N VAL A 410 5.97 21.93 8.73
CA VAL A 410 5.06 21.06 7.99
C VAL A 410 3.73 21.75 7.75
N LYS A 411 3.38 21.95 6.49
CA LYS A 411 2.11 22.61 6.16
C LYS A 411 0.99 21.60 6.02
N SER A 412 -0.13 22.07 5.47
CA SER A 412 -1.29 21.21 5.30
C SER A 412 -1.15 20.27 4.11
N LEU A 413 -1.87 19.15 4.18
CA LEU A 413 -1.89 18.16 3.11
C LEU A 413 -3.35 17.86 2.83
N ILE A 414 -4.21 18.53 3.58
CA ILE A 414 -5.64 18.34 3.44
C ILE A 414 -6.21 19.09 2.25
N LYS A 415 -7.21 18.48 1.62
CA LYS A 415 -7.88 19.10 0.49
C LYS A 415 -9.29 18.59 0.50
N THR A 416 -10.16 19.26 -0.24
CA THR A 416 -11.54 18.83 -0.30
C THR A 416 -11.76 17.93 -1.49
N PRO A 417 -12.72 17.00 -1.38
CA PRO A 417 -12.99 16.09 -2.50
C PRO A 417 -13.49 16.88 -3.70
N GLU A 418 -13.06 16.48 -4.89
CA GLU A 418 -13.50 17.12 -6.13
C GLU A 418 -14.80 16.48 -6.56
N ARG A 419 -15.52 17.17 -7.44
CA ARG A 419 -16.77 16.66 -7.99
C ARG A 419 -16.39 15.86 -9.22
N LEU A 420 -17.04 14.72 -9.38
CA LEU A 420 -16.76 13.83 -10.50
C LEU A 420 -17.81 13.88 -11.57
N SER A 421 -17.45 14.37 -12.75
CA SER A 421 -18.40 14.41 -13.84
C SER A 421 -18.49 13.01 -14.43
N LEU A 422 -19.68 12.60 -14.81
CA LEU A 422 -19.86 11.27 -15.39
C LEU A 422 -19.51 11.23 -16.87
N GLU A 423 -19.20 12.38 -17.46
CA GLU A 423 -18.85 12.41 -18.88
C GLU A 423 -17.57 11.63 -19.13
N GLY A 424 -17.59 10.79 -20.17
CA GLY A 424 -16.42 10.00 -20.51
C GLY A 424 -16.43 8.59 -19.95
N GLU A 425 -17.47 8.23 -19.21
CA GLU A 425 -17.58 6.89 -18.62
C GLU A 425 -17.42 5.83 -19.70
N ARG A 426 -16.52 4.88 -19.46
CA ARG A 426 -16.28 3.81 -20.42
C ARG A 426 -17.33 2.72 -20.32
N GLN A 427 -17.68 2.15 -21.46
CA GLN A 427 -18.67 1.08 -21.53
C GLN A 427 -17.96 -0.23 -21.85
N PRO A 428 -18.52 -1.36 -21.42
CA PRO A 428 -17.87 -2.64 -21.73
C PRO A 428 -17.88 -2.85 -23.24
N LYS A 429 -16.77 -3.36 -23.80
CA LYS A 429 -16.69 -3.57 -25.24
C LYS A 429 -17.55 -4.72 -25.74
N SER A 430 -17.60 -5.80 -24.99
CA SER A 430 -18.39 -6.97 -25.37
C SER A 430 -19.61 -7.14 -24.45
N PRO A 431 -20.61 -6.26 -24.58
CA PRO A 431 -21.82 -6.35 -23.74
C PRO A 431 -22.90 -7.22 -24.38
N GLY A 432 -23.16 -6.95 -25.67
CA GLY A 432 -24.18 -7.70 -26.39
C GLY A 432 -25.56 -7.29 -25.91
N SER A 433 -26.29 -8.25 -25.35
CA SER A 433 -27.62 -8.00 -24.82
C SER A 433 -28.15 -9.26 -24.13
N THR A 434 -28.16 -9.22 -22.79
CA THR A 434 -28.63 -10.35 -21.99
C THR A 434 -28.04 -11.67 -22.50
#